data_7AZ4
#
_entry.id   7AZ4
#
_cell.length_a   98.341
_cell.length_b   52.365
_cell.length_c   58.463
_cell.angle_alpha   90.000
_cell.angle_beta   118.030
_cell.angle_gamma   90.000
#
_symmetry.space_group_name_H-M   'C 1 2 1'
#
loop_
_entity.id
_entity.type
_entity.pdbx_description
1 polymer 'Triosephosphate isomerase'
2 non-polymer '2-PHOSPHOGLYCOLIC ACID'
3 water water
#
_entity_poly.entity_id   1
_entity_poly.type   'polypeptide(L)'
_entity_poly.pdbx_seq_one_letter_code
;MSAKPQPIAAANWKCNGTTASIEKLVQVFNEHTISHDVQCVVAPTFVHIPLVQAKLRNPKYVISAQNAIAKSGAFTGEVS
MPILKDIGVHWVILGHSERRTYYGETDEIVAQKVSEACKQGFMVIACIGETLQQREANQTAKVVLSQTSAIAAKLTKDAW
NQVVLAYEPVWAIGTGKVATPEQAQEVHLLLRKWVSENIGTDVAAKLRILYGGSVNAANAATLYAKPDINGFLVGGASLK
PEFRDIIDATR
;
_entity_poly.pdbx_strand_id   A
#
loop_
_chem_comp.id
_chem_comp.type
_chem_comp.name
_chem_comp.formula
PGA non-polymer '2-PHOSPHOGLYCOLIC ACID' 'C2 H5 O6 P'
#
# COMPACT_ATOMS: atom_id res chain seq x y z
N LYS A 4 -10.07 4.59 -15.52
CA LYS A 4 -9.17 4.18 -14.45
C LYS A 4 -9.34 2.71 -14.10
N PRO A 5 -8.26 2.06 -13.68
CA PRO A 5 -8.39 0.69 -13.17
C PRO A 5 -9.11 0.67 -11.84
N GLN A 6 -9.41 -0.51 -11.39
CA GLN A 6 -10.16 -0.69 -10.16
C GLN A 6 -9.41 -0.02 -9.00
N PRO A 7 -10.07 0.83 -8.24
CA PRO A 7 -9.37 1.49 -7.14
C PRO A 7 -9.17 0.56 -5.97
N ILE A 8 -8.26 0.97 -5.11
CA ILE A 8 -7.96 0.28 -3.87
C ILE A 8 -8.05 1.28 -2.75
N ALA A 9 -8.69 0.88 -1.66
CA ALA A 9 -8.67 1.63 -0.42
C ALA A 9 -8.09 0.71 0.62
N ALA A 10 -6.90 1.04 1.09
CA ALA A 10 -6.17 0.14 1.97
C ALA A 10 -5.96 0.78 3.33
N ALA A 11 -6.25 0.02 4.36
CA ALA A 11 -6.12 0.42 5.75
C ALA A 11 -4.87 -0.20 6.33
N ASN A 12 -3.88 0.61 6.63
CA ASN A 12 -2.68 0.17 7.31
C ASN A 12 -2.84 0.52 8.76
N TRP A 13 -3.25 -0.45 9.57
CA TRP A 13 -3.45 -0.22 10.98
C TRP A 13 -2.15 -0.03 11.75
N LYS A 14 -1.02 -0.29 11.13
CA LYS A 14 0.28 -0.18 11.77
C LYS A 14 0.26 -0.99 13.06
N CYS A 15 0.99 -0.55 14.05
CA CYS A 15 1.12 -1.33 15.27
C CYS A 15 0.11 -0.82 16.28
N ASN A 16 -1.15 -1.09 15.98
CA ASN A 16 -2.24 -0.57 16.78
C ASN A 16 -3.35 -1.59 16.85
N GLY A 17 -4.14 -1.46 17.90
CA GLY A 17 -5.35 -2.25 18.04
C GLY A 17 -5.39 -3.04 19.32
N THR A 18 -6.59 -3.28 19.77
CA THR A 18 -6.85 -4.27 20.80
C THR A 18 -7.96 -5.14 20.26
N THR A 19 -8.18 -6.29 20.89
CA THR A 19 -9.24 -7.13 20.37
CA THR A 19 -9.26 -7.17 20.47
C THR A 19 -10.58 -6.40 20.42
N ALA A 20 -10.84 -5.66 21.47
CA ALA A 20 -12.12 -4.98 21.56
C ALA A 20 -12.25 -3.89 20.51
N SER A 21 -11.21 -3.10 20.30
CA SER A 21 -11.34 -2.02 19.34
C SER A 21 -11.43 -2.55 17.94
N ILE A 22 -10.74 -3.64 17.66
CA ILE A 22 -10.81 -4.23 16.33
C ILE A 22 -12.17 -4.84 16.07
N GLU A 23 -12.75 -5.53 17.06
N GLU A 23 -12.75 -5.53 17.06
CA GLU A 23 -14.07 -6.08 16.87
CA GLU A 23 -14.07 -6.08 16.87
C GLU A 23 -15.08 -5.00 16.54
C GLU A 23 -15.08 -5.00 16.54
N LYS A 24 -14.99 -3.88 17.23
CA LYS A 24 -15.92 -2.77 16.98
C LYS A 24 -15.70 -2.19 15.60
N LEU A 25 -14.45 -1.97 15.19
CA LEU A 25 -14.21 -1.37 13.90
C LEU A 25 -14.57 -2.30 12.76
N VAL A 26 -14.30 -3.60 12.91
CA VAL A 26 -14.67 -4.52 11.85
C VAL A 26 -16.18 -4.57 11.68
N GLN A 27 -16.91 -4.48 12.77
CA GLN A 27 -18.37 -4.41 12.69
C GLN A 27 -18.81 -3.21 11.87
N VAL A 28 -18.18 -2.06 12.10
CA VAL A 28 -18.47 -0.87 11.32
C VAL A 28 -18.21 -1.12 9.86
N PHE A 29 -17.07 -1.74 9.55
CA PHE A 29 -16.77 -2.00 8.16
C PHE A 29 -17.74 -3.00 7.56
N ASN A 30 -18.15 -4.00 8.34
CA ASN A 30 -19.09 -4.98 7.82
C ASN A 30 -20.44 -4.36 7.48
N GLU A 31 -20.88 -3.40 8.25
CA GLU A 31 -22.20 -2.83 8.09
C GLU A 31 -22.23 -1.74 7.03
N HIS A 32 -21.09 -1.37 6.47
CA HIS A 32 -21.02 -0.37 5.42
C HIS A 32 -21.12 -1.07 4.09
N THR A 33 -22.19 -0.78 3.38
CA THR A 33 -22.45 -1.45 2.13
C THR A 33 -21.75 -0.64 1.04
N ILE A 34 -20.88 -1.28 0.30
CA ILE A 34 -20.11 -0.64 -0.73
C ILE A 34 -20.72 -1.03 -2.07
N SER A 35 -21.10 -0.04 -2.86
CA SER A 35 -21.87 -0.33 -4.07
C SER A 35 -21.06 -0.29 -5.33
N HIS A 36 -19.82 0.20 -5.28
CA HIS A 36 -19.02 0.35 -6.47
C HIS A 36 -17.86 -0.64 -6.43
N ASP A 37 -17.16 -0.72 -7.55
CA ASP A 37 -16.08 -1.68 -7.70
C ASP A 37 -14.81 -1.07 -7.09
N VAL A 38 -14.43 -1.59 -5.94
CA VAL A 38 -13.22 -1.15 -5.23
C VAL A 38 -12.71 -2.36 -4.50
N GLN A 39 -11.41 -2.48 -4.40
CA GLN A 39 -10.82 -3.48 -3.54
C GLN A 39 -10.43 -2.80 -2.25
N CYS A 40 -11.05 -3.21 -1.17
CA CYS A 40 -10.65 -2.74 0.13
C CYS A 40 -9.67 -3.72 0.72
N VAL A 41 -8.71 -3.20 1.46
CA VAL A 41 -7.66 -4.01 2.05
C VAL A 41 -7.53 -3.57 3.48
N VAL A 42 -7.44 -4.50 4.42
CA VAL A 42 -7.15 -4.18 5.81
CA VAL A 42 -7.12 -4.15 5.78
C VAL A 42 -5.88 -4.92 6.18
N ALA A 43 -4.95 -4.22 6.78
CA ALA A 43 -3.66 -4.77 7.18
C ALA A 43 -3.52 -4.64 8.68
N PRO A 44 -3.94 -5.66 9.42
CA PRO A 44 -3.78 -5.65 10.87
C PRO A 44 -2.37 -6.10 11.24
N THR A 45 -2.05 -5.96 12.49
CA THR A 45 -0.82 -6.59 12.95
C THR A 45 -0.93 -8.10 12.81
N PHE A 46 0.22 -8.75 12.80
CA PHE A 46 0.23 -10.19 12.59
C PHE A 46 -0.66 -10.90 13.59
N VAL A 47 -0.61 -10.51 14.86
CA VAL A 47 -1.34 -11.27 15.86
C VAL A 47 -2.82 -11.10 15.75
N HIS A 48 -3.29 -10.06 15.06
CA HIS A 48 -4.70 -9.79 14.87
C HIS A 48 -5.23 -10.35 13.59
N ILE A 49 -4.39 -10.90 12.72
CA ILE A 49 -4.89 -11.45 11.47
C ILE A 49 -5.98 -12.50 11.70
N PRO A 50 -5.80 -13.46 12.59
CA PRO A 50 -6.86 -14.46 12.76
C PRO A 50 -8.16 -13.88 13.24
N LEU A 51 -8.11 -12.93 14.16
CA LEU A 51 -9.33 -12.26 14.60
C LEU A 51 -10.03 -11.58 13.46
N VAL A 52 -9.30 -10.85 12.65
CA VAL A 52 -9.95 -10.16 11.54
C VAL A 52 -10.48 -11.15 10.53
N GLN A 53 -9.76 -12.24 10.28
CA GLN A 53 -10.27 -13.27 9.37
C GLN A 53 -11.59 -13.81 9.87
N ALA A 54 -11.73 -13.95 11.16
CA ALA A 54 -12.93 -14.54 11.75
C ALA A 54 -14.11 -13.57 11.71
N LYS A 55 -13.85 -12.28 11.78
CA LYS A 55 -14.93 -11.33 11.96
C LYS A 55 -15.28 -10.55 10.72
N LEU A 56 -14.34 -10.34 9.81
CA LEU A 56 -14.57 -9.51 8.66
C LEU A 56 -15.35 -10.28 7.62
N ARG A 57 -16.47 -9.72 7.21
CA ARG A 57 -17.37 -10.39 6.28
C ARG A 57 -17.69 -9.57 5.05
N ASN A 58 -17.33 -8.31 5.02
CA ASN A 58 -17.67 -7.46 3.90
C ASN A 58 -16.97 -8.00 2.66
N PRO A 59 -17.68 -8.31 1.59
CA PRO A 59 -17.06 -9.02 0.47
C PRO A 59 -16.08 -8.20 -0.31
N LYS A 60 -16.03 -6.90 -0.09
CA LYS A 60 -15.09 -6.08 -0.81
C LYS A 60 -13.71 -6.06 -0.18
N TYR A 61 -13.51 -6.74 0.94
CA TYR A 61 -12.26 -6.65 1.66
C TYR A 61 -11.41 -7.89 1.52
N VAL A 62 -10.10 -7.69 1.48
N VAL A 62 -10.10 -7.66 1.53
CA VAL A 62 -9.12 -8.72 1.68
CA VAL A 62 -9.08 -8.69 1.59
C VAL A 62 -8.25 -8.28 2.84
C VAL A 62 -8.07 -8.25 2.65
N ILE A 63 -7.51 -9.22 3.37
CA ILE A 63 -6.61 -8.97 4.47
C ILE A 63 -5.19 -8.99 3.95
N SER A 64 -4.38 -8.07 4.42
CA SER A 64 -2.98 -7.98 4.06
C SER A 64 -2.13 -8.04 5.29
N ALA A 65 -0.93 -8.56 5.13
CA ALA A 65 0.10 -8.36 6.13
C ALA A 65 0.78 -7.03 5.91
N GLN A 66 1.39 -6.53 6.96
CA GLN A 66 2.14 -5.26 6.94
C GLN A 66 3.59 -5.41 6.57
N ASN A 67 4.09 -6.63 6.52
CA ASN A 67 5.47 -6.96 6.22
C ASN A 67 5.55 -8.47 6.13
N ALA A 68 6.66 -8.96 5.62
CA ALA A 68 6.98 -10.37 5.66
C ALA A 68 8.42 -10.52 5.24
N ILE A 69 8.97 -11.68 5.52
CA ILE A 69 10.22 -12.11 4.93
C ILE A 69 9.91 -13.22 3.94
N ALA A 70 10.88 -13.52 3.07
CA ALA A 70 10.58 -14.37 1.91
C ALA A 70 10.47 -15.84 2.26
N LYS A 71 11.25 -16.33 3.21
CA LYS A 71 11.34 -17.77 3.44
C LYS A 71 11.26 -18.06 4.92
N SER A 72 10.68 -19.20 5.23
CA SER A 72 10.70 -19.71 6.57
C SER A 72 12.09 -20.16 6.96
N GLY A 73 12.32 -20.22 8.24
CA GLY A 73 13.57 -20.71 8.75
C GLY A 73 13.94 -20.02 10.05
N ALA A 74 15.23 -19.91 10.25
CA ALA A 74 15.78 -19.49 11.52
C ALA A 74 15.86 -17.97 11.58
N PHE A 75 14.68 -17.36 11.67
CA PHE A 75 14.55 -15.91 11.68
C PHE A 75 13.61 -15.54 12.83
N THR A 76 14.12 -15.64 14.04
CA THR A 76 13.30 -15.42 15.22
C THR A 76 12.64 -14.07 15.15
N GLY A 77 11.33 -14.07 15.36
CA GLY A 77 10.53 -12.87 15.39
C GLY A 77 9.85 -12.53 14.12
N GLU A 78 10.26 -13.09 13.00
CA GLU A 78 9.74 -12.68 11.71
C GLU A 78 8.67 -13.65 11.24
N VAL A 79 7.89 -13.21 10.26
CA VAL A 79 6.84 -14.01 9.67
C VAL A 79 7.10 -14.11 8.19
N SER A 80 7.07 -15.31 7.64
CA SER A 80 7.41 -15.50 6.24
C SER A 80 6.20 -15.56 5.34
N MET A 81 6.50 -15.37 4.06
CA MET A 81 5.47 -15.44 3.04
C MET A 81 4.79 -16.80 2.97
N PRO A 82 5.49 -17.92 3.05
CA PRO A 82 4.78 -19.20 3.07
C PRO A 82 3.86 -19.35 4.23
N ILE A 83 4.25 -18.84 5.39
CA ILE A 83 3.39 -18.92 6.56
C ILE A 83 2.12 -18.12 6.34
N LEU A 84 2.24 -16.93 5.77
CA LEU A 84 1.06 -16.13 5.50
C LEU A 84 0.17 -16.82 4.50
N LYS A 85 0.74 -17.36 3.43
CA LYS A 85 -0.08 -18.03 2.43
C LYS A 85 -0.86 -19.16 3.03
N ASP A 86 -0.22 -19.92 3.91
CA ASP A 86 -0.87 -21.07 4.54
C ASP A 86 -2.04 -20.65 5.39
N ILE A 87 -1.98 -19.47 6.01
CA ILE A 87 -3.07 -19.00 6.84
C ILE A 87 -4.09 -18.24 6.02
N GLY A 88 -3.89 -18.09 4.72
CA GLY A 88 -4.89 -17.48 3.88
C GLY A 88 -4.67 -16.03 3.55
N VAL A 89 -3.50 -15.48 3.83
CA VAL A 89 -3.20 -14.09 3.54
C VAL A 89 -2.33 -14.07 2.31
N HIS A 90 -2.78 -13.38 1.29
CA HIS A 90 -2.06 -13.32 0.03
C HIS A 90 -1.90 -11.90 -0.48
N TRP A 91 -1.98 -10.93 0.42
CA TRP A 91 -1.59 -9.55 0.18
C TRP A 91 -0.56 -9.17 1.21
N VAL A 92 0.39 -8.34 0.79
CA VAL A 92 1.39 -7.84 1.72
C VAL A 92 1.79 -6.45 1.30
N ILE A 93 2.02 -5.62 2.30
CA ILE A 93 2.62 -4.31 2.13
C ILE A 93 4.12 -4.48 2.33
N LEU A 94 4.90 -3.94 1.43
CA LEU A 94 6.34 -4.05 1.50
C LEU A 94 6.99 -2.70 1.26
N GLY A 95 8.06 -2.46 1.99
CA GLY A 95 8.83 -1.25 1.81
C GLY A 95 8.21 -0.01 2.39
N HIS A 96 7.34 -0.15 3.36
CA HIS A 96 6.79 1.02 4.01
C HIS A 96 7.90 1.86 4.57
N SER A 97 7.70 3.17 4.49
N SER A 97 7.75 3.18 4.51
CA SER A 97 8.68 4.12 4.97
CA SER A 97 8.83 4.04 4.94
C SER A 97 9.17 3.81 6.37
C SER A 97 9.21 3.82 6.40
N GLU A 98 8.28 3.39 7.26
CA GLU A 98 8.68 3.09 8.61
C GLU A 98 9.69 1.96 8.65
N ARG A 99 9.59 1.01 7.75
CA ARG A 99 10.54 -0.09 7.73
C ARG A 99 11.82 0.33 7.05
N ARG A 100 11.75 1.16 6.02
CA ARG A 100 12.95 1.69 5.39
C ARG A 100 13.74 2.53 6.37
N THR A 101 13.05 3.27 7.22
N THR A 101 13.07 3.24 7.25
CA THR A 101 13.69 4.21 8.15
CA THR A 101 13.78 4.20 8.11
C THR A 101 14.19 3.47 9.39
C THR A 101 14.12 3.66 9.50
N TYR A 102 13.30 2.77 10.09
CA TYR A 102 13.63 2.21 11.39
C TYR A 102 14.27 0.85 11.33
N TYR A 103 13.99 0.06 10.28
CA TYR A 103 14.27 -1.38 10.32
C TYR A 103 15.14 -1.81 9.16
N GLY A 104 15.91 -0.88 8.59
CA GLY A 104 17.00 -1.21 7.71
C GLY A 104 16.63 -1.72 6.35
N GLU A 105 15.43 -1.44 5.86
CA GLU A 105 15.02 -1.97 4.56
C GLU A 105 15.49 -1.02 3.46
N THR A 106 16.56 -1.40 2.80
CA THR A 106 17.11 -0.67 1.68
C THR A 106 16.31 -0.99 0.43
N ASP A 107 16.60 -0.25 -0.63
CA ASP A 107 15.94 -0.54 -1.89
C ASP A 107 16.19 -1.97 -2.32
N GLU A 108 17.39 -2.50 -2.10
N GLU A 108 17.41 -2.46 -2.13
CA GLU A 108 17.64 -3.85 -2.56
CA GLU A 108 17.72 -3.82 -2.51
C GLU A 108 16.93 -4.89 -1.70
C GLU A 108 16.83 -4.79 -1.73
N ILE A 109 16.76 -4.61 -0.41
CA ILE A 109 15.96 -5.51 0.42
C ILE A 109 14.50 -5.47 0.02
N VAL A 110 13.96 -4.28 -0.20
CA VAL A 110 12.57 -4.17 -0.62
C VAL A 110 12.35 -4.87 -1.95
N ALA A 111 13.25 -4.63 -2.90
CA ALA A 111 13.10 -5.22 -4.22
C ALA A 111 13.14 -6.74 -4.14
N GLN A 112 14.01 -7.28 -3.30
CA GLN A 112 14.06 -8.73 -3.12
CA GLN A 112 14.06 -8.73 -3.14
C GLN A 112 12.77 -9.25 -2.53
N LYS A 113 12.24 -8.55 -1.52
CA LYS A 113 10.99 -9.00 -0.91
C LYS A 113 9.87 -8.96 -1.91
N VAL A 114 9.77 -7.89 -2.68
CA VAL A 114 8.70 -7.77 -3.65
C VAL A 114 8.78 -8.90 -4.67
N SER A 115 9.98 -9.18 -5.16
CA SER A 115 10.17 -10.23 -6.14
C SER A 115 9.73 -11.57 -5.59
N GLU A 116 10.13 -11.87 -4.37
CA GLU A 116 9.75 -13.14 -3.77
C GLU A 116 8.26 -13.21 -3.54
N ALA A 117 7.64 -12.11 -3.10
CA ALA A 117 6.22 -12.12 -2.89
C ALA A 117 5.50 -12.40 -4.19
N CYS A 118 5.95 -11.78 -5.26
CA CYS A 118 5.29 -12.01 -6.53
C CYS A 118 5.45 -13.46 -6.96
N LYS A 119 6.64 -14.04 -6.75
CA LYS A 119 6.84 -15.43 -7.16
C LYS A 119 5.94 -16.33 -6.36
N GLN A 120 5.62 -15.95 -5.12
CA GLN A 120 4.78 -16.76 -4.28
C GLN A 120 3.31 -16.43 -4.41
N GLY A 121 2.93 -15.61 -5.38
CA GLY A 121 1.54 -15.42 -5.68
C GLY A 121 0.85 -14.35 -4.88
N PHE A 122 1.60 -13.48 -4.20
CA PHE A 122 0.99 -12.41 -3.45
C PHE A 122 0.61 -11.25 -4.36
N MET A 123 -0.39 -10.52 -3.94
CA MET A 123 -0.56 -9.14 -4.37
CA MET A 123 -0.57 -9.14 -4.36
C MET A 123 0.27 -8.30 -3.42
N VAL A 124 1.00 -7.37 -3.98
CA VAL A 124 1.96 -6.58 -3.21
C VAL A 124 1.60 -5.11 -3.32
N ILE A 125 1.57 -4.43 -2.20
CA ILE A 125 1.54 -2.97 -2.18
C ILE A 125 2.94 -2.54 -1.84
N ALA A 126 3.64 -2.01 -2.81
CA ALA A 126 5.03 -1.62 -2.66
C ALA A 126 5.09 -0.13 -2.46
N CYS A 127 5.73 0.32 -1.39
CA CYS A 127 5.71 1.72 -1.02
C CYS A 127 6.99 2.42 -1.44
N ILE A 128 6.82 3.64 -1.95
CA ILE A 128 7.91 4.48 -2.41
C ILE A 128 7.59 5.89 -1.97
N GLY A 129 8.60 6.74 -1.90
CA GLY A 129 8.37 8.12 -1.56
C GLY A 129 9.62 8.81 -1.08
N GLU A 130 9.62 10.12 -1.23
CA GLU A 130 10.76 10.98 -0.92
C GLU A 130 10.61 11.63 0.43
N THR A 131 11.73 12.00 1.02
CA THR A 131 11.74 12.74 2.27
C THR A 131 11.60 14.23 1.99
N LEU A 132 11.36 14.98 3.06
CA LEU A 132 11.27 16.43 2.92
C LEU A 132 12.56 17.02 2.36
N GLN A 133 13.71 16.54 2.83
CA GLN A 133 14.99 17.05 2.32
C GLN A 133 15.13 16.77 0.84
N GLN A 134 14.73 15.58 0.39
CA GLN A 134 14.80 15.27 -1.03
C GLN A 134 13.87 16.13 -1.84
N ARG A 135 12.65 16.37 -1.34
CA ARG A 135 11.72 17.24 -2.03
C ARG A 135 12.30 18.64 -2.18
N GLU A 136 12.88 19.19 -1.12
CA GLU A 136 13.38 20.55 -1.15
C GLU A 136 14.62 20.66 -2.02
N ALA A 137 15.33 19.56 -2.22
CA ALA A 137 16.46 19.51 -3.13
C ALA A 137 16.04 19.21 -4.56
N ASN A 138 14.74 19.21 -4.84
N ASN A 138 14.74 19.21 -4.84
CA ASN A 138 14.24 18.96 -6.18
CA ASN A 138 14.22 18.95 -6.17
C ASN A 138 14.68 17.58 -6.68
C ASN A 138 14.62 17.57 -6.68
N GLN A 139 14.70 16.60 -5.77
CA GLN A 139 15.10 15.24 -6.09
C GLN A 139 13.93 14.26 -6.09
N THR A 140 12.71 14.73 -5.97
CA THR A 140 11.57 13.82 -5.84
C THR A 140 11.54 12.80 -6.96
N ALA A 141 11.63 13.25 -8.21
CA ALA A 141 11.50 12.33 -9.32
C ALA A 141 12.65 11.34 -9.33
N LYS A 142 13.87 11.80 -9.09
CA LYS A 142 15.00 10.90 -9.08
C LYS A 142 14.81 9.82 -8.02
N VAL A 143 14.35 10.22 -6.85
CA VAL A 143 14.20 9.27 -5.73
C VAL A 143 13.13 8.25 -6.05
N VAL A 144 11.93 8.70 -6.42
CA VAL A 144 10.86 7.72 -6.59
C VAL A 144 11.14 6.83 -7.78
N LEU A 145 11.75 7.36 -8.85
CA LEU A 145 12.09 6.50 -9.96
C LEU A 145 13.21 5.54 -9.61
N SER A 146 14.16 5.94 -8.77
N SER A 146 14.14 5.94 -8.74
CA SER A 146 15.19 4.99 -8.36
CA SER A 146 15.19 5.02 -8.34
C SER A 146 14.56 3.86 -7.56
C SER A 146 14.64 3.89 -7.49
N GLN A 147 13.68 4.20 -6.60
CA GLN A 147 13.04 3.18 -5.79
C GLN A 147 12.23 2.23 -6.65
N THR A 148 11.53 2.77 -7.62
CA THR A 148 10.71 1.94 -8.48
C THR A 148 11.57 1.09 -9.40
N SER A 149 12.65 1.64 -9.95
N SER A 149 12.63 1.69 -9.95
N SER A 149 12.62 1.69 -9.96
CA SER A 149 13.44 0.83 -10.85
CA SER A 149 13.53 0.94 -10.83
CA SER A 149 13.52 0.93 -10.84
C SER A 149 14.20 -0.26 -10.11
C SER A 149 14.14 -0.24 -10.10
C SER A 149 14.13 -0.25 -10.10
N ALA A 150 14.52 -0.05 -8.84
CA ALA A 150 15.13 -1.13 -8.06
C ALA A 150 14.18 -2.29 -7.96
N ILE A 151 12.90 -2.01 -7.71
CA ILE A 151 11.90 -3.07 -7.68
C ILE A 151 11.78 -3.71 -9.06
N ALA A 152 11.68 -2.87 -10.08
CA ALA A 152 11.44 -3.37 -11.42
C ALA A 152 12.55 -4.29 -11.89
N ALA A 153 13.75 -4.05 -11.45
CA ALA A 153 14.90 -4.84 -11.90
C ALA A 153 14.78 -6.30 -11.52
N LYS A 154 13.97 -6.63 -10.53
N LYS A 154 13.97 -6.63 -10.52
CA LYS A 154 13.84 -8.00 -10.04
CA LYS A 154 13.85 -8.00 -10.05
C LYS A 154 12.57 -8.67 -10.53
C LYS A 154 12.51 -8.62 -10.42
N LEU A 155 11.76 -7.99 -11.31
CA LEU A 155 10.46 -8.48 -11.74
C LEU A 155 10.45 -8.73 -13.24
N THR A 156 9.61 -9.69 -13.64
CA THR A 156 9.28 -9.86 -15.05
C THR A 156 8.04 -9.04 -15.32
N LYS A 157 7.74 -8.86 -16.62
CA LYS A 157 6.59 -8.07 -16.98
C LYS A 157 5.30 -8.66 -16.41
N ASP A 158 5.19 -9.98 -16.38
N ASP A 158 5.20 -9.99 -16.41
CA ASP A 158 3.94 -10.59 -15.93
CA ASP A 158 3.98 -10.63 -15.93
C ASP A 158 3.72 -10.42 -14.44
C ASP A 158 3.72 -10.32 -14.45
N ALA A 159 4.79 -10.26 -13.65
CA ALA A 159 4.65 -10.02 -12.22
C ALA A 159 3.96 -8.69 -11.91
N TRP A 160 3.98 -7.72 -12.83
CA TRP A 160 3.40 -6.43 -12.54
C TRP A 160 1.90 -6.53 -12.36
N ASN A 161 1.26 -7.58 -12.84
CA ASN A 161 -0.15 -7.77 -12.58
C ASN A 161 -0.44 -7.90 -11.10
N GLN A 162 0.56 -8.25 -10.31
CA GLN A 162 0.40 -8.44 -8.88
C GLN A 162 0.83 -7.25 -8.06
N VAL A 163 1.35 -6.22 -8.67
CA VAL A 163 1.97 -5.11 -7.97
C VAL A 163 1.01 -3.92 -7.95
N VAL A 164 0.95 -3.27 -6.82
CA VAL A 164 0.31 -1.98 -6.63
C VAL A 164 1.40 -1.08 -6.07
N LEU A 165 1.56 0.11 -6.62
CA LEU A 165 2.52 1.03 -6.04
C LEU A 165 1.79 1.99 -5.11
N ALA A 166 2.41 2.34 -4.01
CA ALA A 166 1.85 3.35 -3.12
C ALA A 166 2.90 4.43 -2.96
N TYR A 167 2.58 5.60 -3.48
CA TYR A 167 3.41 6.77 -3.31
C TYR A 167 3.02 7.46 -2.03
N GLU A 168 3.95 7.51 -1.09
CA GLU A 168 3.71 8.16 0.19
C GLU A 168 4.88 9.08 0.48
N PRO A 169 4.75 10.36 0.24
CA PRO A 169 5.83 11.26 0.63
C PRO A 169 6.05 11.12 2.11
N VAL A 170 7.30 10.99 2.50
CA VAL A 170 7.56 10.69 3.90
C VAL A 170 7.07 11.80 4.79
N TRP A 171 7.15 13.02 4.32
CA TRP A 171 6.73 14.20 5.07
C TRP A 171 5.24 14.29 5.27
N ALA A 172 4.47 13.46 4.56
CA ALA A 172 3.02 13.43 4.70
C ALA A 172 2.55 12.31 5.61
N ILE A 173 3.41 11.39 6.02
CA ILE A 173 2.95 10.20 6.75
C ILE A 173 2.78 10.58 8.19
N GLY A 174 1.55 10.55 8.66
CA GLY A 174 1.27 10.77 10.06
C GLY A 174 1.40 12.20 10.53
N THR A 175 1.67 13.14 9.64
CA THR A 175 2.02 14.49 10.05
C THR A 175 0.87 15.47 9.94
N GLY A 176 -0.19 15.11 9.26
CA GLY A 176 -1.26 16.00 8.95
C GLY A 176 -1.05 16.83 7.71
N LYS A 177 0.12 16.78 7.12
CA LYS A 177 0.46 17.62 5.98
C LYS A 177 0.34 16.76 4.73
N VAL A 178 -0.89 16.62 4.28
CA VAL A 178 -1.19 15.86 3.10
C VAL A 178 -0.58 16.55 1.89
N ALA A 179 -0.20 15.79 0.89
CA ALA A 179 0.16 16.36 -0.39
C ALA A 179 -1.07 16.97 -1.02
N THR A 180 -0.89 18.04 -1.78
CA THR A 180 -1.99 18.56 -2.54
C THR A 180 -2.29 17.62 -3.69
N PRO A 181 -3.49 17.70 -4.23
CA PRO A 181 -3.80 16.86 -5.39
C PRO A 181 -2.84 17.08 -6.52
N GLU A 182 -2.36 18.31 -6.72
CA GLU A 182 -1.43 18.57 -7.80
C GLU A 182 -0.08 17.95 -7.52
N GLN A 183 0.39 18.01 -6.29
CA GLN A 183 1.65 17.39 -5.95
C GLN A 183 1.59 15.89 -6.18
N ALA A 184 0.52 15.27 -5.72
CA ALA A 184 0.40 13.83 -5.86
C ALA A 184 0.29 13.44 -7.33
N GLN A 185 -0.56 14.14 -8.06
CA GLN A 185 -0.77 13.80 -9.45
C GLN A 185 0.52 13.92 -10.25
N GLU A 186 1.34 14.91 -9.96
CA GLU A 186 2.59 15.08 -10.69
C GLU A 186 3.46 13.84 -10.57
N VAL A 187 3.56 13.30 -9.35
CA VAL A 187 4.38 12.11 -9.13
C VAL A 187 3.72 10.89 -9.73
N HIS A 188 2.41 10.72 -9.54
CA HIS A 188 1.77 9.54 -10.09
C HIS A 188 1.92 9.52 -11.60
N LEU A 189 1.82 10.67 -12.25
CA LEU A 189 1.94 10.70 -13.70
C LEU A 189 3.35 10.32 -14.12
N LEU A 190 4.34 10.82 -13.40
CA LEU A 190 5.73 10.50 -13.71
C LEU A 190 5.99 9.00 -13.55
N LEU A 191 5.44 8.41 -12.49
CA LEU A 191 5.60 6.99 -12.28
C LEU A 191 4.93 6.22 -13.40
N ARG A 192 3.69 6.58 -13.74
CA ARG A 192 2.98 5.82 -14.74
C ARG A 192 3.69 5.92 -16.08
N LYS A 193 4.21 7.10 -16.41
CA LYS A 193 4.97 7.27 -17.64
C LYS A 193 6.21 6.39 -17.66
N TRP A 194 6.93 6.35 -16.55
CA TRP A 194 8.10 5.47 -16.46
C TRP A 194 7.72 4.02 -16.66
N VAL A 195 6.65 3.57 -16.02
CA VAL A 195 6.21 2.19 -16.23
C VAL A 195 5.84 1.95 -17.68
N SER A 196 5.14 2.90 -18.29
CA SER A 196 4.72 2.74 -19.67
C SER A 196 5.92 2.57 -20.58
N GLU A 197 6.97 3.35 -20.37
CA GLU A 197 8.12 3.34 -21.26
C GLU A 197 9.05 2.19 -20.97
N ASN A 198 9.18 1.78 -19.72
CA ASN A 198 10.19 0.81 -19.32
C ASN A 198 9.65 -0.57 -19.15
N ILE A 199 8.36 -0.72 -18.87
CA ILE A 199 7.74 -2.02 -18.69
C ILE A 199 6.79 -2.33 -19.83
N GLY A 200 5.84 -1.44 -20.07
CA GLY A 200 4.88 -1.65 -21.12
C GLY A 200 3.68 -0.75 -20.96
N THR A 201 3.09 -0.32 -22.07
CA THR A 201 1.92 0.56 -21.98
C THR A 201 0.70 -0.18 -21.46
N ASP A 202 0.60 -1.49 -21.70
CA ASP A 202 -0.51 -2.26 -21.16
C ASP A 202 -0.39 -2.39 -19.65
N VAL A 203 0.83 -2.57 -19.16
CA VAL A 203 1.05 -2.61 -17.72
C VAL A 203 0.69 -1.28 -17.11
N ALA A 204 1.16 -0.19 -17.70
CA ALA A 204 0.92 1.12 -17.12
C ALA A 204 -0.56 1.43 -17.02
N ALA A 205 -1.35 1.01 -18.02
CA ALA A 205 -2.75 1.39 -18.03
C ALA A 205 -3.52 0.70 -16.93
N LYS A 206 -3.07 -0.46 -16.49
CA LYS A 206 -3.77 -1.25 -15.50
C LYS A 206 -3.18 -1.11 -14.11
N LEU A 207 -2.06 -0.45 -13.98
CA LEU A 207 -1.35 -0.39 -12.71
C LEU A 207 -2.08 0.56 -11.77
N ARG A 208 -2.32 0.12 -10.55
CA ARG A 208 -2.84 1.00 -9.52
C ARG A 208 -1.68 1.68 -8.81
N ILE A 209 -1.74 2.99 -8.75
CA ILE A 209 -0.82 3.80 -8.00
C ILE A 209 -1.63 4.52 -6.95
N LEU A 210 -1.41 4.18 -5.71
CA LEU A 210 -2.13 4.74 -4.60
C LEU A 210 -1.35 5.89 -4.00
N TYR A 211 -2.05 6.82 -3.41
CA TYR A 211 -1.43 7.87 -2.63
C TYR A 211 -1.65 7.56 -1.16
N GLY A 212 -0.65 7.82 -0.35
CA GLY A 212 -0.84 7.81 1.08
C GLY A 212 -0.05 8.90 1.75
N GLY A 213 -0.49 9.26 2.93
CA GLY A 213 0.15 10.28 3.75
C GLY A 213 -0.89 11.29 4.12
N SER A 214 -1.50 11.10 5.28
CA SER A 214 -2.48 12.01 5.86
C SER A 214 -3.76 12.09 5.06
N VAL A 215 -4.14 11.02 4.37
CA VAL A 215 -5.45 10.96 3.76
C VAL A 215 -6.50 10.93 4.85
N ASN A 216 -7.56 11.71 4.66
CA ASN A 216 -8.71 11.60 5.54
C ASN A 216 -9.97 11.67 4.69
N ALA A 217 -11.11 11.56 5.35
CA ALA A 217 -12.37 11.48 4.60
C ALA A 217 -12.72 12.76 3.90
N ALA A 218 -12.15 13.87 4.32
CA ALA A 218 -12.43 15.16 3.72
C ALA A 218 -11.54 15.45 2.53
N ASN A 219 -10.27 15.00 2.51
CA ASN A 219 -9.40 15.29 1.39
C ASN A 219 -9.37 14.17 0.37
N ALA A 220 -9.96 13.01 0.65
CA ALA A 220 -9.80 11.88 -0.23
C ALA A 220 -10.44 12.14 -1.59
N ALA A 221 -11.63 12.74 -1.62
CA ALA A 221 -12.31 12.85 -2.90
C ALA A 221 -11.57 13.76 -3.88
N THR A 222 -10.93 14.82 -3.37
N THR A 222 -10.98 14.84 -3.40
CA THR A 222 -10.21 15.74 -4.25
CA THR A 222 -10.30 15.66 -4.38
C THR A 222 -8.86 15.20 -4.69
C THR A 222 -8.99 15.03 -4.83
N LEU A 223 -8.33 14.22 -3.98
CA LEU A 223 -7.20 13.46 -4.47
C LEU A 223 -7.64 12.47 -5.52
N TYR A 224 -8.74 11.78 -5.28
CA TYR A 224 -9.16 10.75 -6.20
C TYR A 224 -9.61 11.33 -7.53
N ALA A 225 -9.99 12.59 -7.55
CA ALA A 225 -10.42 13.19 -8.81
C ALA A 225 -9.28 13.28 -9.82
N LYS A 226 -8.05 13.17 -9.39
CA LYS A 226 -6.92 13.30 -10.29
C LYS A 226 -6.75 12.04 -11.11
N PRO A 227 -6.32 12.17 -12.36
CA PRO A 227 -6.45 11.05 -13.29
C PRO A 227 -5.54 9.87 -12.98
N ASP A 228 -4.44 10.07 -12.30
CA ASP A 228 -3.47 9.00 -12.10
C ASP A 228 -3.41 8.50 -10.67
N ILE A 229 -4.39 8.87 -9.86
CA ILE A 229 -4.50 8.41 -8.48
C ILE A 229 -5.57 7.33 -8.44
N ASN A 230 -5.19 6.15 -7.96
CA ASN A 230 -6.07 5.00 -8.01
C ASN A 230 -6.54 4.53 -6.65
N GLY A 231 -6.40 5.36 -5.64
CA GLY A 231 -6.84 5.00 -4.32
C GLY A 231 -5.79 5.40 -3.32
N PHE A 232 -5.89 4.79 -2.15
CA PHE A 232 -5.21 5.32 -0.99
C PHE A 232 -4.67 4.23 -0.11
N LEU A 233 -3.55 4.53 0.51
CA LEU A 233 -3.05 3.75 1.62
C LEU A 233 -3.18 4.65 2.82
N VAL A 234 -3.97 4.23 3.79
CA VAL A 234 -4.43 5.09 4.85
C VAL A 234 -3.98 4.54 6.18
N GLY A 235 -3.34 5.35 6.99
CA GLY A 235 -2.86 4.97 8.30
C GLY A 235 -3.84 5.41 9.36
N GLY A 236 -3.63 6.59 9.92
CA GLY A 236 -4.41 7.03 11.05
C GLY A 236 -5.90 7.02 10.84
N ALA A 237 -6.37 7.46 9.69
CA ALA A 237 -7.80 7.53 9.50
C ALA A 237 -8.43 6.17 9.27
N SER A 238 -7.64 5.12 9.09
CA SER A 238 -8.21 3.79 8.86
C SER A 238 -8.55 3.10 10.16
N LEU A 239 -8.20 3.70 11.27
CA LEU A 239 -8.57 3.22 12.59
C LEU A 239 -9.87 3.81 13.07
N LYS A 240 -10.54 4.57 12.21
CA LYS A 240 -11.72 5.34 12.58
C LYS A 240 -12.85 5.00 11.62
N PRO A 241 -14.08 5.29 12.03
CA PRO A 241 -15.21 4.96 11.17
C PRO A 241 -15.21 5.74 9.89
N GLU A 242 -14.50 6.87 9.84
N GLU A 242 -14.51 6.87 9.84
N GLU A 242 -14.53 6.87 9.84
CA GLU A 242 -14.41 7.68 8.62
CA GLU A 242 -14.41 7.68 8.64
CA GLU A 242 -14.53 7.64 8.61
C GLU A 242 -13.77 6.93 7.47
C GLU A 242 -13.76 6.95 7.48
C GLU A 242 -13.74 6.97 7.48
N PHE A 243 -13.11 5.82 7.72
CA PHE A 243 -12.57 5.04 6.62
C PHE A 243 -13.67 4.69 5.63
N ARG A 244 -14.92 4.56 6.12
CA ARG A 244 -16.04 4.29 5.22
C ARG A 244 -16.15 5.37 4.15
N ASP A 245 -15.99 6.62 4.53
CA ASP A 245 -16.07 7.70 3.57
C ASP A 245 -14.85 7.81 2.69
N ILE A 246 -13.69 7.33 3.15
CA ILE A 246 -12.54 7.23 2.26
C ILE A 246 -12.79 6.20 1.17
N ILE A 247 -13.34 5.06 1.53
CA ILE A 247 -13.72 4.09 0.52
C ILE A 247 -14.66 4.72 -0.47
N ASP A 248 -15.68 5.41 0.03
CA ASP A 248 -16.70 5.94 -0.87
C ASP A 248 -16.21 7.10 -1.69
N ALA A 249 -15.05 7.67 -1.36
CA ALA A 249 -14.44 8.72 -2.18
C ALA A 249 -13.78 8.15 -3.42
N THR A 250 -13.73 6.84 -3.58
CA THR A 250 -13.16 6.23 -4.77
C THR A 250 -14.23 5.91 -5.80
N ARG A 251 -15.45 6.43 -5.62
CA ARG A 251 -16.55 6.21 -6.58
C ARG A 251 -16.25 7.02 -7.82
P PGA B . -1.17 8.18 7.56
O1P PGA B . -0.28 6.89 7.30
O2P PGA B . -1.38 8.14 9.02
O3P PGA B . -2.44 7.98 6.78
O4P PGA B . -0.40 9.40 7.10
C2 PGA B . -0.11 6.45 5.97
C1 PGA B . 0.74 5.22 5.90
O1 PGA B . 1.69 5.15 6.72
O2 PGA B . 0.63 4.42 4.97
H21 PGA B . 0.33 7.24 5.36
H22 PGA B . -1.09 6.21 5.56
#